data_7AH3
#
_entry.id   7AH3
#
_cell.length_a   42.260
_cell.length_b   63.420
_cell.length_c   74.930
_cell.angle_alpha   101.722
_cell.angle_beta   90.895
_cell.angle_gamma   90.008
#
_symmetry.space_group_name_H-M   'P 1'
#
loop_
_entity.id
_entity.type
_entity.pdbx_description
1 polymer 'Proto-oncogene tyrosine-protein kinase Src'
2 non-polymer ~{N}-[(2-fluorophenyl)methyl]-6-(morpholin-4-ylmethylsulfanyl)-1-(2-phenylethyl)pyrazolo[3,4-d]pyrimidin-4-amine
3 non-polymer 1,2-ETHANEDIOL
4 non-polymer 'DIMETHYL SULFOXIDE'
5 non-polymer GLYCEROL
6 water water
#
_entity_poly.entity_id   1
_entity_poly.type   'polypeptide(L)'
_entity_poly.pdbx_seq_one_letter_code
;GHMQTQGLAKDAWEIPRESLRLEVKLGQGCFGEVWMGTWNGTTRVAIKTLKPGTMSPEAFLQEAQVMKKLRHEKLVQLYA
VVSEEPIYIVTEYMSKGSLLDFLKGEMGKYLRLPQLVDMAAQIASGMAYVERMNYVHRDLRAANILVGENLVCKVADFGL
ARLIEDNEYTARQGAKFPIKWTAPEAALYGRFTIKSDVWSFGILLTELTTKGRVPYPGMVNREVLDQVERGYRMPCPPEC
PESLHDLMCQCWRKDPEERPTFEYLQAFLEDYFTSTEPQYQPGENL
;
_entity_poly.pdbx_strand_id   A,B
#
loop_
_chem_comp.id
_chem_comp.type
_chem_comp.name
_chem_comp.formula
DMS non-polymer 'DIMETHYL SULFOXIDE' 'C2 H6 O S'
EDO non-polymer 1,2-ETHANEDIOL 'C2 H6 O2'
GOL non-polymer GLYCEROL 'C3 H8 O3'
RCK non-polymer ~{N}-[(2-fluorophenyl)methyl]-6-(morpholin-4-ylmethylsulfanyl)-1-(2-phenylethyl)pyrazolo[3,4-d]pyrimidin-4-amine 'C25 H27 F N6 O S'
#
# COMPACT_ATOMS: atom_id res chain seq x y z
N LYS A 10 -1.02 -44.45 2.16
CA LYS A 10 -1.52 -43.24 1.50
C LYS A 10 -1.87 -42.19 2.55
N ASP A 11 -2.11 -40.96 2.12
CA ASP A 11 -2.17 -39.86 3.08
C ASP A 11 -3.56 -39.75 3.70
N ALA A 12 -3.68 -38.86 4.69
CA ALA A 12 -5.02 -38.42 5.07
C ALA A 12 -5.67 -37.56 4.00
N TRP A 13 -4.92 -37.20 2.95
CA TRP A 13 -5.43 -36.45 1.81
C TRP A 13 -6.09 -37.37 0.77
N GLU A 14 -5.86 -38.66 0.87
CA GLU A 14 -6.38 -39.57 -0.14
C GLU A 14 -7.86 -39.81 0.10
N ILE A 15 -8.61 -39.91 -0.99
CA ILE A 15 -10.05 -40.15 -0.88
C ILE A 15 -10.45 -41.27 -1.83
N PRO A 16 -11.55 -41.95 -1.53
CA PRO A 16 -12.02 -42.99 -2.45
C PRO A 16 -12.63 -42.40 -3.72
N ARG A 17 -12.44 -43.12 -4.82
CA ARG A 17 -12.87 -42.64 -6.14
C ARG A 17 -14.38 -42.45 -6.20
N GLU A 18 -15.15 -43.24 -5.44
CA GLU A 18 -16.60 -43.06 -5.50
C GLU A 18 -17.10 -41.83 -4.74
N SER A 19 -16.24 -41.12 -4.01
CA SER A 19 -16.69 -39.93 -3.28
C SER A 19 -16.74 -38.69 -4.15
N LEU A 20 -16.50 -38.83 -5.43
CA LEU A 20 -16.47 -37.68 -6.35
C LEU A 20 -17.46 -37.86 -7.48
N ARG A 21 -18.24 -36.82 -7.74
CA ARG A 21 -19.06 -36.60 -8.94
C ARG A 21 -18.58 -35.45 -9.74
N LEU A 22 -18.25 -35.77 -11.00
CA LEU A 22 -17.82 -34.81 -11.99
C LEU A 22 -19.07 -34.39 -12.74
N GLU A 23 -19.56 -33.18 -12.47
CA GLU A 23 -20.84 -32.75 -13.02
C GLU A 23 -20.71 -31.96 -14.32
N VAL A 24 -19.82 -30.96 -14.36
CA VAL A 24 -19.70 -30.08 -15.51
C VAL A 24 -18.23 -29.99 -15.90
N LYS A 25 -17.93 -30.28 -17.16
CA LYS A 25 -16.58 -30.08 -17.67
C LYS A 25 -16.39 -28.59 -17.96
N LEU A 26 -15.29 -28.02 -17.51
CA LEU A 26 -15.03 -26.60 -17.68
C LEU A 26 -13.77 -26.29 -18.48
N GLY A 27 -12.89 -27.26 -18.69
CA GLY A 27 -11.60 -26.99 -19.30
C GLY A 27 -10.95 -28.28 -19.74
N GLN A 28 -10.06 -28.16 -20.73
CA GLN A 28 -9.52 -29.32 -21.43
C GLN A 28 -8.17 -28.98 -22.05
N GLY A 29 -7.21 -29.88 -21.88
CA GLY A 29 -5.89 -29.73 -22.45
C GLY A 29 -5.25 -31.08 -22.65
N CYS A 30 -3.97 -31.08 -23.02
CA CYS A 30 -3.27 -32.35 -23.14
C CYS A 30 -2.99 -32.96 -21.78
N PHE A 31 -2.91 -32.12 -20.74
CA PHE A 31 -2.65 -32.60 -19.39
C PHE A 31 -3.78 -33.46 -18.87
N GLY A 32 -5.01 -33.13 -19.24
CA GLY A 32 -6.21 -33.69 -18.66
C GLY A 32 -7.37 -32.71 -18.78
N GLU A 33 -8.23 -32.69 -17.77
CA GLU A 33 -9.45 -31.89 -17.79
C GLU A 33 -9.70 -31.26 -16.43
N VAL A 34 -10.59 -30.28 -16.39
CA VAL A 34 -11.05 -29.62 -15.17
C VAL A 34 -12.57 -29.65 -15.13
N TRP A 35 -13.13 -30.04 -13.98
CA TRP A 35 -14.57 -30.17 -13.80
C TRP A 35 -14.99 -29.46 -12.54
N MET A 36 -16.20 -28.93 -12.56
CA MET A 36 -16.95 -28.70 -11.34
C MET A 36 -17.67 -29.97 -10.90
N GLY A 37 -17.62 -30.24 -9.60
CA GLY A 37 -18.25 -31.44 -9.12
C GLY A 37 -18.57 -31.32 -7.65
N THR A 38 -18.84 -32.46 -7.04
CA THR A 38 -19.23 -32.53 -5.65
C THR A 38 -18.39 -33.60 -4.99
N TRP A 39 -17.98 -33.32 -3.75
CA TRP A 39 -17.14 -34.22 -2.98
C TRP A 39 -17.92 -34.67 -1.75
N ASN A 40 -18.07 -35.98 -1.59
CA ASN A 40 -18.79 -36.58 -0.49
C ASN A 40 -20.26 -36.19 -0.49
N GLY A 41 -20.84 -35.90 -1.66
CA GLY A 41 -22.23 -35.51 -1.75
C GLY A 41 -22.55 -34.10 -1.26
N THR A 42 -21.65 -33.45 -0.52
CA THR A 42 -21.95 -32.16 0.10
C THR A 42 -21.12 -31.00 -0.42
N THR A 43 -19.87 -31.22 -0.81
CA THR A 43 -18.95 -30.11 -0.98
C THR A 43 -18.81 -29.79 -2.46
N ARG A 44 -19.10 -28.54 -2.84
CA ARG A 44 -18.75 -28.04 -4.16
C ARG A 44 -17.24 -28.04 -4.33
N VAL A 45 -16.74 -28.61 -5.42
CA VAL A 45 -15.30 -28.68 -5.64
C VAL A 45 -14.96 -28.53 -7.11
N ALA A 46 -13.73 -28.10 -7.36
CA ALA A 46 -13.08 -28.21 -8.65
C ALA A 46 -12.27 -29.49 -8.68
N ILE A 47 -12.35 -30.20 -9.80
CA ILE A 47 -11.76 -31.52 -9.96
C ILE A 47 -10.89 -31.48 -11.22
N LYS A 48 -9.59 -31.53 -11.04
CA LYS A 48 -8.67 -31.57 -12.16
C LYS A 48 -8.20 -33.00 -12.34
N THR A 49 -8.36 -33.51 -13.56
CA THR A 49 -7.85 -34.84 -13.87
C THR A 49 -6.55 -34.73 -14.66
N LEU A 50 -5.72 -35.75 -14.51
CA LEU A 50 -4.46 -35.88 -15.21
C LEU A 50 -4.55 -37.08 -16.14
N LYS A 51 -4.24 -36.87 -17.42
CA LYS A 51 -4.33 -37.96 -18.38
C LYS A 51 -3.32 -39.06 -18.00
N PRO A 52 -3.72 -40.33 -18.05
CA PRO A 52 -2.80 -41.40 -17.66
C PRO A 52 -1.59 -41.45 -18.60
N GLY A 53 -0.40 -41.55 -18.01
CA GLY A 53 0.84 -41.66 -18.75
C GLY A 53 1.58 -40.37 -19.06
N THR A 54 1.04 -39.21 -18.72
CA THR A 54 1.66 -37.96 -19.10
C THR A 54 2.76 -37.58 -18.13
N MET A 55 2.62 -37.96 -16.86
CA MET A 55 3.57 -37.58 -15.81
C MET A 55 3.92 -38.69 -14.83
N SER A 56 5.22 -38.67 -14.55
CA SER A 56 5.91 -39.59 -13.66
C SER A 56 5.30 -39.54 -12.29
N PRO A 57 4.98 -40.69 -11.72
CA PRO A 57 4.39 -40.73 -10.39
C PRO A 57 5.26 -40.11 -9.32
N GLU A 58 6.58 -40.27 -9.43
CA GLU A 58 7.49 -39.64 -8.50
C GLU A 58 7.37 -38.12 -8.55
N ALA A 59 7.30 -37.56 -9.77
CA ALA A 59 7.15 -36.13 -9.92
C ALA A 59 5.84 -35.65 -9.33
N PHE A 60 4.76 -36.42 -9.52
CA PHE A 60 3.50 -36.03 -8.92
C PHE A 60 3.57 -36.12 -7.40
N LEU A 61 4.21 -37.15 -6.87
CA LEU A 61 4.38 -37.29 -5.43
C LEU A 61 5.12 -36.08 -4.85
N GLN A 62 6.15 -35.60 -5.55
CA GLN A 62 6.90 -34.44 -5.06
C GLN A 62 6.06 -33.18 -5.11
N GLU A 63 5.30 -32.97 -6.19
CA GLU A 63 4.49 -31.76 -6.26
C GLU A 63 3.31 -31.84 -5.31
N ALA A 64 2.74 -33.03 -5.12
CA ALA A 64 1.64 -33.19 -4.16
C ALA A 64 2.09 -32.78 -2.76
N GLN A 65 3.30 -33.16 -2.37
CA GLN A 65 3.84 -32.78 -1.07
C GLN A 65 3.84 -31.26 -0.91
N VAL A 66 4.29 -30.54 -1.95
CA VAL A 66 4.29 -29.09 -1.91
C VAL A 66 2.87 -28.56 -1.72
N MET A 67 1.94 -29.06 -2.54
CA MET A 67 0.55 -28.62 -2.49
C MET A 67 -0.04 -28.75 -1.10
N LYS A 68 0.29 -29.82 -0.40
CA LYS A 68 -0.24 -30.06 0.92
C LYS A 68 0.46 -29.24 1.99
N LYS A 69 1.57 -28.55 1.66
CA LYS A 69 2.27 -27.74 2.64
C LYS A 69 1.95 -26.24 2.55
N LEU A 70 1.45 -25.75 1.43
CA LEU A 70 1.09 -24.34 1.27
C LEU A 70 -0.41 -24.17 1.64
N ARG A 71 -0.74 -23.38 2.72
CA ARG A 71 -2.10 -23.07 3.10
C ARG A 71 -2.09 -21.56 3.16
N HIS A 72 -2.88 -20.89 2.31
CA HIS A 72 -3.00 -19.44 2.49
C HIS A 72 -4.36 -19.04 1.91
N GLU A 73 -5.03 -18.09 2.56
CA GLU A 73 -6.38 -17.78 2.11
C GLU A 73 -6.42 -17.20 0.69
N LYS A 74 -5.30 -16.69 0.17
CA LYS A 74 -5.25 -16.23 -1.22
C LYS A 74 -4.53 -17.21 -2.14
N LEU A 75 -4.31 -18.44 -1.70
CA LEU A 75 -3.94 -19.56 -2.57
C LEU A 75 -5.06 -20.58 -2.62
N VAL A 76 -5.45 -20.99 -3.84
CA VAL A 76 -6.49 -21.99 -4.01
C VAL A 76 -6.13 -23.22 -3.21
N GLN A 77 -7.04 -23.67 -2.35
CA GLN A 77 -6.77 -24.70 -1.36
C GLN A 77 -7.01 -26.10 -1.92
N LEU A 78 -5.99 -26.93 -1.84
CA LEU A 78 -6.12 -28.36 -2.10
C LEU A 78 -7.03 -29.00 -1.06
N TYR A 79 -7.95 -29.84 -1.51
CA TYR A 79 -8.88 -30.53 -0.64
C TYR A 79 -8.55 -32.01 -0.46
N ALA A 80 -8.17 -32.68 -1.53
CA ALA A 80 -8.06 -34.13 -1.53
C ALA A 80 -7.34 -34.52 -2.81
N VAL A 81 -6.95 -35.79 -2.88
CA VAL A 81 -6.23 -36.31 -4.04
C VAL A 81 -6.58 -37.78 -4.22
N VAL A 82 -6.71 -38.20 -5.46
CA VAL A 82 -6.62 -39.60 -5.84
C VAL A 82 -5.31 -39.74 -6.60
N SER A 83 -4.29 -40.25 -5.92
CA SER A 83 -2.90 -40.08 -6.35
C SER A 83 -2.37 -41.26 -7.12
N GLU A 84 -3.21 -42.21 -7.50
CA GLU A 84 -2.87 -43.31 -8.38
C GLU A 84 -3.57 -43.09 -9.72
N GLU A 85 -2.93 -43.53 -10.80
CA GLU A 85 -3.46 -43.27 -12.13
C GLU A 85 -4.79 -44.01 -12.33
N PRO A 86 -5.80 -43.35 -12.96
CA PRO A 86 -5.79 -41.94 -13.35
C PRO A 86 -5.93 -41.03 -12.13
N ILE A 87 -5.19 -39.92 -12.12
CA ILE A 87 -5.05 -39.09 -10.94
C ILE A 87 -6.16 -38.04 -10.93
N TYR A 88 -6.72 -37.78 -9.75
CA TYR A 88 -7.70 -36.72 -9.57
C TYR A 88 -7.21 -35.76 -8.49
N ILE A 89 -7.50 -34.48 -8.69
CA ILE A 89 -7.05 -33.41 -7.82
C ILE A 89 -8.27 -32.58 -7.47
N VAL A 90 -8.58 -32.48 -6.19
CA VAL A 90 -9.82 -31.87 -5.71
C VAL A 90 -9.41 -30.59 -4.97
N THR A 91 -9.92 -29.46 -5.41
CA THR A 91 -9.60 -28.19 -4.76
C THR A 91 -10.89 -27.41 -4.52
N GLU A 92 -10.77 -26.35 -3.71
CA GLU A 92 -11.87 -25.41 -3.62
C GLU A 92 -12.24 -24.91 -5.01
N TYR A 93 -13.54 -24.68 -5.19
CA TYR A 93 -14.12 -24.23 -6.44
C TYR A 93 -14.06 -22.71 -6.50
N MET A 94 -13.45 -22.18 -7.54
CA MET A 94 -13.38 -20.75 -7.85
C MET A 94 -14.43 -20.39 -8.90
N SER A 95 -15.58 -19.91 -8.44
CA SER A 95 -16.81 -19.92 -9.23
C SER A 95 -16.82 -18.97 -10.43
N LYS A 96 -15.90 -18.01 -10.54
CA LYS A 96 -15.88 -17.11 -11.69
C LYS A 96 -14.81 -17.44 -12.73
N GLY A 97 -14.06 -18.54 -12.57
CA GLY A 97 -13.00 -18.81 -13.55
C GLY A 97 -11.80 -17.87 -13.42
N SER A 98 -11.08 -17.69 -14.53
CA SER A 98 -9.83 -16.98 -14.51
C SER A 98 -10.11 -15.49 -14.42
N LEU A 99 -9.14 -14.79 -13.84
CA LEU A 99 -9.23 -13.34 -13.76
C LEU A 99 -9.27 -12.73 -15.15
N LEU A 100 -8.49 -13.29 -16.07
CA LEU A 100 -8.54 -12.84 -17.46
C LEU A 100 -9.97 -12.85 -17.97
N ASP A 101 -10.64 -14.01 -17.91
CA ASP A 101 -12.01 -14.09 -18.42
C ASP A 101 -12.98 -13.17 -17.65
N PHE A 102 -12.77 -13.03 -16.34
CA PHE A 102 -13.62 -12.15 -15.53
C PHE A 102 -13.56 -10.72 -16.04
N LEU A 103 -12.34 -10.18 -16.21
CA LEU A 103 -12.16 -8.80 -16.63
C LEU A 103 -12.68 -8.56 -18.04
N LYS A 104 -12.51 -9.54 -18.94
CA LYS A 104 -12.96 -9.41 -20.32
C LYS A 104 -14.48 -9.51 -20.41
N GLY A 105 -15.12 -10.25 -19.51
CA GLY A 105 -16.53 -10.59 -19.64
C GLY A 105 -17.45 -9.50 -19.15
N GLU A 106 -18.70 -9.89 -18.88
CA GLU A 106 -19.74 -8.93 -18.55
C GLU A 106 -19.43 -8.12 -17.30
N MET A 107 -18.61 -8.63 -16.38
CA MET A 107 -18.31 -7.85 -15.18
C MET A 107 -17.33 -6.71 -15.41
N GLY A 108 -16.46 -6.82 -16.40
CA GLY A 108 -15.36 -5.86 -16.54
C GLY A 108 -15.83 -4.43 -16.54
N LYS A 109 -16.96 -4.16 -17.23
CA LYS A 109 -17.44 -2.79 -17.39
C LYS A 109 -17.91 -2.16 -16.09
N TYR A 110 -18.22 -2.96 -15.08
CA TYR A 110 -18.61 -2.36 -13.82
C TYR A 110 -17.44 -2.15 -12.85
N LEU A 111 -16.32 -2.82 -13.07
CA LEU A 111 -15.17 -2.71 -12.19
C LEU A 111 -14.53 -1.33 -12.31
N ARG A 112 -14.32 -0.68 -11.17
CA ARG A 112 -13.59 0.58 -11.17
C ARG A 112 -12.28 0.38 -10.41
N LEU A 113 -11.50 1.46 -10.33
CA LEU A 113 -10.17 1.35 -9.73
C LEU A 113 -10.19 0.82 -8.30
N PRO A 114 -11.14 1.19 -7.43
CA PRO A 114 -11.14 0.58 -6.08
C PRO A 114 -11.29 -0.94 -6.10
N GLN A 115 -12.17 -1.49 -6.93
CA GLN A 115 -12.25 -2.95 -7.07
C GLN A 115 -10.96 -3.55 -7.64
N LEU A 116 -10.37 -2.92 -8.67
CA LEU A 116 -9.22 -3.55 -9.33
C LEU A 116 -7.99 -3.51 -8.44
N VAL A 117 -7.82 -2.42 -7.69
CA VAL A 117 -6.70 -2.33 -6.78
C VAL A 117 -6.86 -3.27 -5.59
N ASP A 118 -8.10 -3.46 -5.10
CA ASP A 118 -8.31 -4.49 -4.07
C ASP A 118 -8.00 -5.88 -4.60
N MET A 119 -8.34 -6.14 -5.87
CA MET A 119 -7.95 -7.42 -6.44
C MET A 119 -6.43 -7.57 -6.46
N ALA A 120 -5.71 -6.52 -6.84
CA ALA A 120 -4.26 -6.59 -6.90
C ALA A 120 -3.67 -6.79 -5.51
N ALA A 121 -4.28 -6.17 -4.49
CA ALA A 121 -3.81 -6.33 -3.11
C ALA A 121 -3.94 -7.79 -2.65
N GLN A 122 -5.02 -8.46 -3.04
CA GLN A 122 -5.21 -9.88 -2.71
C GLN A 122 -4.15 -10.76 -3.36
N ILE A 123 -3.92 -10.55 -4.66
CA ILE A 123 -2.88 -11.29 -5.37
C ILE A 123 -1.50 -11.01 -4.76
N ALA A 124 -1.20 -9.75 -4.42
CA ALA A 124 0.07 -9.49 -3.74
C ALA A 124 0.17 -10.25 -2.43
N SER A 125 -0.95 -10.38 -1.72
CA SER A 125 -0.92 -11.06 -0.44
C SER A 125 -0.60 -12.53 -0.63
N GLY A 126 -1.17 -13.14 -1.67
CA GLY A 126 -0.84 -14.52 -2.00
C GLY A 126 0.62 -14.68 -2.39
N MET A 127 1.11 -13.75 -3.23
CA MET A 127 2.52 -13.80 -3.62
C MET A 127 3.45 -13.43 -2.47
N ALA A 128 3.02 -12.56 -1.55
CA ALA A 128 3.81 -12.33 -0.35
C ALA A 128 4.03 -13.62 0.42
N TYR A 129 2.99 -14.45 0.51
CA TYR A 129 3.16 -15.73 1.19
C TYR A 129 4.11 -16.63 0.42
N VAL A 130 3.94 -16.72 -0.90
CA VAL A 130 4.89 -17.43 -1.75
C VAL A 130 6.31 -16.91 -1.50
N GLU A 131 6.44 -15.59 -1.36
CA GLU A 131 7.73 -14.96 -1.11
C GLU A 131 8.36 -15.42 0.20
N ARG A 132 7.59 -15.41 1.29
CA ARG A 132 8.22 -15.79 2.55
C ARG A 132 8.35 -17.30 2.73
N MET A 133 7.72 -18.11 1.88
CA MET A 133 8.00 -19.55 1.89
C MET A 133 9.16 -19.92 0.98
N ASN A 134 9.73 -18.93 0.28
CA ASN A 134 10.88 -19.09 -0.60
C ASN A 134 10.55 -19.95 -1.81
N TYR A 135 9.36 -19.73 -2.37
CA TYR A 135 8.96 -20.37 -3.63
C TYR A 135 8.95 -19.32 -4.73
N VAL A 136 8.79 -19.82 -5.96
CA VAL A 136 8.73 -18.96 -7.14
C VAL A 136 7.54 -19.41 -7.98
N HIS A 137 6.73 -18.46 -8.44
CA HIS A 137 5.57 -18.82 -9.25
C HIS A 137 5.98 -19.21 -10.66
N ARG A 138 6.64 -18.30 -11.37
CA ARG A 138 7.16 -18.38 -12.74
C ARG A 138 6.12 -18.09 -13.84
N ASP A 139 4.83 -17.99 -13.54
CA ASP A 139 3.87 -17.64 -14.59
C ASP A 139 2.71 -16.84 -13.99
N LEU A 140 3.07 -15.79 -13.26
CA LEU A 140 2.08 -14.90 -12.68
C LEU A 140 1.48 -14.05 -13.80
N ARG A 141 0.16 -14.14 -13.98
CA ARG A 141 -0.57 -13.30 -14.93
C ARG A 141 -2.04 -13.61 -14.77
N ALA A 142 -2.90 -12.74 -15.34
CA ALA A 142 -4.34 -12.84 -15.08
C ALA A 142 -4.94 -14.19 -15.51
N ALA A 143 -4.41 -14.81 -16.57
CA ALA A 143 -4.96 -16.11 -16.96
C ALA A 143 -4.74 -17.19 -15.89
N ASN A 144 -3.81 -16.97 -14.96
CA ASN A 144 -3.47 -17.96 -13.94
C ASN A 144 -3.98 -17.59 -12.55
N ILE A 145 -4.77 -16.51 -12.43
CA ILE A 145 -5.43 -16.13 -11.19
C ILE A 145 -6.89 -16.52 -11.28
N LEU A 146 -7.43 -17.10 -10.22
CA LEU A 146 -8.81 -17.54 -10.20
C LEU A 146 -9.65 -16.61 -9.31
N VAL A 147 -10.92 -16.47 -9.66
CA VAL A 147 -11.82 -15.51 -9.03
C VAL A 147 -13.04 -16.25 -8.50
N GLY A 148 -13.44 -15.90 -7.28
CA GLY A 148 -14.61 -16.49 -6.68
C GLY A 148 -15.64 -15.42 -6.37
N GLU A 149 -16.57 -15.72 -5.48
CA GLU A 149 -17.60 -14.77 -5.12
C GLU A 149 -16.96 -13.53 -4.48
N ASN A 150 -17.66 -12.41 -4.57
CA ASN A 150 -17.31 -11.18 -3.83
C ASN A 150 -15.87 -10.73 -4.14
N LEU A 151 -15.49 -10.85 -5.41
CA LEU A 151 -14.21 -10.40 -5.97
C LEU A 151 -12.99 -11.06 -5.30
N VAL A 152 -13.13 -12.23 -4.68
CA VAL A 152 -11.95 -12.89 -4.15
CA VAL A 152 -11.95 -12.89 -4.14
C VAL A 152 -11.11 -13.43 -5.30
N CYS A 153 -9.81 -13.14 -5.27
CA CYS A 153 -8.82 -13.58 -6.24
C CYS A 153 -7.77 -14.43 -5.54
N LYS A 154 -7.35 -15.51 -6.20
CA LYS A 154 -6.39 -16.42 -5.61
C LYS A 154 -5.37 -16.90 -6.65
N VAL A 155 -4.16 -17.16 -6.17
CA VAL A 155 -3.09 -17.77 -6.95
C VAL A 155 -3.35 -19.25 -7.06
N ALA A 156 -3.11 -19.81 -8.23
CA ALA A 156 -3.53 -21.19 -8.51
C ALA A 156 -2.39 -22.16 -8.22
N ASP A 157 -2.42 -23.37 -8.82
CA ASP A 157 -1.42 -24.40 -8.53
C ASP A 157 -0.21 -24.19 -9.44
N PHE A 158 0.61 -23.20 -9.09
CA PHE A 158 1.73 -22.82 -9.94
C PHE A 158 2.78 -23.92 -10.04
N GLY A 159 2.95 -24.72 -8.98
CA GLY A 159 3.93 -25.78 -9.03
C GLY A 159 3.52 -26.89 -9.97
N LEU A 160 2.24 -27.31 -9.90
CA LEU A 160 1.80 -28.37 -10.78
C LEU A 160 1.77 -27.83 -12.21
N ALA A 161 1.41 -26.54 -12.34
CA ALA A 161 1.40 -25.87 -13.64
C ALA A 161 2.76 -25.93 -14.30
N ARG A 162 3.81 -25.60 -13.54
CA ARG A 162 5.17 -25.62 -14.09
C ARG A 162 5.56 -27.01 -14.58
N LEU A 163 5.23 -28.05 -13.80
CA LEU A 163 5.58 -29.41 -14.20
C LEU A 163 4.84 -29.83 -15.47
N ILE A 164 3.57 -29.44 -15.59
CA ILE A 164 2.81 -29.72 -16.80
C ILE A 164 3.48 -29.07 -18.01
N GLU A 165 3.82 -27.78 -17.89
CA GLU A 165 4.57 -27.08 -18.93
C GLU A 165 6.07 -27.31 -18.76
N PRO A 178 4.92 -16.93 -23.21
CA PRO A 178 4.43 -15.83 -22.39
C PRO A 178 5.51 -14.79 -22.14
N ILE A 179 6.38 -14.58 -23.13
CA ILE A 179 7.36 -13.50 -23.11
C ILE A 179 6.87 -12.16 -22.59
N LYS A 180 5.63 -11.76 -22.90
CA LYS A 180 5.17 -10.44 -22.51
CA LYS A 180 5.15 -10.44 -22.51
C LYS A 180 4.96 -10.30 -21.00
N TRP A 181 4.91 -11.39 -20.25
CA TRP A 181 4.77 -11.27 -18.80
C TRP A 181 6.07 -11.61 -18.08
N THR A 182 7.13 -11.98 -18.80
CA THR A 182 8.34 -12.55 -18.24
C THR A 182 9.40 -11.46 -18.14
N ALA A 183 10.04 -11.37 -16.98
CA ALA A 183 11.15 -10.45 -16.81
C ALA A 183 12.28 -10.80 -17.78
N PRO A 184 13.00 -9.81 -18.29
CA PRO A 184 14.08 -10.10 -19.25
C PRO A 184 15.16 -11.07 -18.76
N GLU A 185 15.60 -10.97 -17.50
CA GLU A 185 16.65 -11.88 -17.04
C GLU A 185 16.14 -13.32 -16.97
N ALA A 186 14.83 -13.51 -16.77
CA ALA A 186 14.24 -14.84 -16.81
C ALA A 186 14.06 -15.32 -18.23
N ALA A 187 13.60 -14.44 -19.13
CA ALA A 187 13.37 -14.87 -20.52
C ALA A 187 14.67 -15.16 -21.25
N LEU A 188 15.72 -14.41 -20.96
CA LEU A 188 16.99 -14.55 -21.69
C LEU A 188 17.94 -15.55 -21.03
N TYR A 189 18.10 -15.45 -19.71
CA TYR A 189 19.11 -16.21 -18.99
C TYR A 189 18.52 -17.26 -18.05
N GLY A 190 17.21 -17.51 -18.11
CA GLY A 190 16.64 -18.52 -17.25
C GLY A 190 16.67 -18.18 -15.78
N ARG A 191 16.87 -16.91 -15.44
CA ARG A 191 16.97 -16.46 -14.05
C ARG A 191 15.57 -16.19 -13.50
N PHE A 192 14.88 -17.26 -13.10
CA PHE A 192 13.53 -17.13 -12.55
C PHE A 192 13.63 -17.02 -11.03
N THR A 193 13.14 -15.91 -10.47
CA THR A 193 13.22 -15.68 -9.02
C THR A 193 11.93 -15.00 -8.56
N ILE A 194 11.81 -14.78 -7.25
CA ILE A 194 10.65 -14.03 -6.77
C ILE A 194 10.67 -12.61 -7.35
N LYS A 195 11.85 -12.11 -7.73
CA LYS A 195 11.92 -10.81 -8.36
C LYS A 195 11.44 -10.83 -9.80
N SER A 196 11.56 -11.97 -10.49
CA SER A 196 10.92 -12.04 -11.80
C SER A 196 9.39 -12.17 -11.68
N ASP A 197 8.90 -12.75 -10.58
CA ASP A 197 7.44 -12.71 -10.34
C ASP A 197 6.96 -11.28 -10.08
N VAL A 198 7.79 -10.46 -9.45
CA VAL A 198 7.39 -9.07 -9.22
C VAL A 198 7.23 -8.37 -10.56
N TRP A 199 8.16 -8.57 -11.50
CA TRP A 199 7.99 -8.01 -12.83
C TRP A 199 6.67 -8.43 -13.46
N SER A 200 6.35 -9.73 -13.43
CA SER A 200 5.09 -10.22 -13.96
C SER A 200 3.91 -9.56 -13.26
N PHE A 201 4.01 -9.34 -11.95
CA PHE A 201 2.96 -8.68 -11.23
C PHE A 201 2.75 -7.26 -11.74
N GLY A 202 3.83 -6.57 -12.09
CA GLY A 202 3.68 -5.29 -12.78
C GLY A 202 2.86 -5.40 -14.06
N ILE A 203 3.15 -6.41 -14.90
CA ILE A 203 2.36 -6.60 -16.12
C ILE A 203 0.89 -6.88 -15.76
N LEU A 204 0.68 -7.68 -14.71
CA LEU A 204 -0.68 -7.99 -14.31
C LEU A 204 -1.42 -6.72 -13.89
N LEU A 205 -0.72 -5.77 -13.29
CA LEU A 205 -1.37 -4.49 -12.98
C LEU A 205 -1.91 -3.81 -14.23
N THR A 206 -1.19 -3.93 -15.36
CA THR A 206 -1.72 -3.37 -16.60
C THR A 206 -2.92 -4.15 -17.11
N GLU A 207 -2.94 -5.47 -16.91
CA GLU A 207 -4.14 -6.22 -17.27
C GLU A 207 -5.35 -5.73 -16.49
N LEU A 208 -5.18 -5.52 -15.19
CA LEU A 208 -6.30 -5.07 -14.39
C LEU A 208 -6.80 -3.72 -14.88
N THR A 209 -5.88 -2.77 -15.08
CA THR A 209 -6.28 -1.41 -15.40
C THR A 209 -6.79 -1.28 -16.83
N THR A 210 -6.52 -2.24 -17.71
CA THR A 210 -7.09 -2.22 -19.05
C THR A 210 -8.27 -3.17 -19.20
N LYS A 211 -8.74 -3.78 -18.10
CA LYS A 211 -9.80 -4.78 -18.17
C LYS A 211 -9.40 -5.90 -19.13
N GLY A 212 -8.18 -6.38 -18.99
CA GLY A 212 -7.73 -7.63 -19.56
C GLY A 212 -7.11 -7.58 -20.94
N ARG A 213 -6.72 -6.40 -21.42
CA ARG A 213 -6.11 -6.35 -22.74
C ARG A 213 -4.75 -7.02 -22.72
N VAL A 214 -4.34 -7.49 -23.88
CA VAL A 214 -2.99 -8.07 -23.99
C VAL A 214 -1.96 -6.95 -23.85
N PRO A 215 -0.91 -7.14 -23.05
CA PRO A 215 0.10 -6.09 -22.90
C PRO A 215 0.89 -5.86 -24.18
N TYR A 216 1.55 -4.71 -24.22
CA TYR A 216 2.31 -4.27 -25.38
C TYR A 216 1.47 -4.38 -26.65
N PRO A 217 0.33 -3.69 -26.71
CA PRO A 217 -0.60 -3.88 -27.83
C PRO A 217 0.05 -3.55 -29.17
N GLY A 218 -0.17 -4.43 -30.15
CA GLY A 218 0.38 -4.26 -31.47
C GLY A 218 1.77 -4.84 -31.66
N MET A 219 2.48 -5.14 -30.57
CA MET A 219 3.85 -5.65 -30.68
C MET A 219 3.90 -7.17 -30.61
N VAL A 220 4.76 -7.75 -31.44
CA VAL A 220 4.97 -9.18 -31.38
C VAL A 220 6.04 -9.47 -30.35
N ASN A 221 6.20 -10.75 -29.98
CA ASN A 221 7.12 -11.14 -28.92
C ASN A 221 8.55 -10.65 -29.19
N ARG A 222 9.03 -10.79 -30.43
CA ARG A 222 10.42 -10.48 -30.75
C ARG A 222 10.70 -9.00 -30.53
N GLU A 223 9.82 -8.13 -31.02
CA GLU A 223 9.91 -6.70 -30.72
C GLU A 223 9.69 -6.35 -29.26
N VAL A 224 8.86 -7.10 -28.52
CA VAL A 224 8.73 -6.77 -27.10
C VAL A 224 10.07 -6.96 -26.41
N LEU A 225 10.70 -8.12 -26.68
CA LEU A 225 12.00 -8.46 -26.13
C LEU A 225 13.06 -7.42 -26.51
N ASP A 226 13.13 -7.10 -27.81
CA ASP A 226 14.09 -6.09 -28.28
C ASP A 226 13.90 -4.76 -27.56
N GLN A 227 12.67 -4.22 -27.56
CA GLN A 227 12.39 -2.91 -26.95
C GLN A 227 12.68 -2.88 -25.46
N VAL A 228 12.21 -3.90 -24.73
CA VAL A 228 12.35 -3.88 -23.28
C VAL A 228 13.84 -3.84 -22.87
N GLU A 229 14.70 -4.54 -23.62
CA GLU A 229 16.15 -4.40 -23.42
C GLU A 229 16.66 -3.00 -23.68
N ARG A 230 16.09 -2.28 -24.64
CA ARG A 230 16.51 -0.90 -24.84
C ARG A 230 15.89 0.07 -23.83
N GLY A 231 15.10 -0.40 -22.88
CA GLY A 231 14.54 0.45 -21.85
C GLY A 231 13.08 0.82 -22.04
N TYR A 232 12.45 0.36 -23.11
CA TYR A 232 11.02 0.62 -23.30
C TYR A 232 10.20 -0.01 -22.18
N ARG A 233 9.20 0.74 -21.71
CA ARG A 233 8.20 0.27 -20.77
C ARG A 233 6.85 0.81 -21.20
N MET A 234 5.80 0.05 -20.92
CA MET A 234 4.44 0.46 -21.29
C MET A 234 4.11 1.80 -20.63
N PRO A 235 3.34 2.67 -21.29
CA PRO A 235 2.99 3.97 -20.71
C PRO A 235 1.77 3.84 -19.80
N CYS A 236 1.43 4.96 -19.17
CA CYS A 236 0.32 4.99 -18.24
C CYS A 236 -0.99 4.67 -18.96
N PRO A 237 -1.71 3.60 -18.59
CA PRO A 237 -2.98 3.31 -19.25
C PRO A 237 -3.97 4.43 -19.07
N PRO A 238 -4.91 4.60 -20.00
CA PRO A 238 -5.92 5.65 -19.88
C PRO A 238 -6.69 5.58 -18.57
N GLU A 239 -6.83 6.74 -17.93
CA GLU A 239 -7.53 6.96 -16.65
C GLU A 239 -6.86 6.31 -15.46
N CYS A 240 -5.73 5.65 -15.64
CA CYS A 240 -5.00 5.07 -14.51
C CYS A 240 -4.15 6.15 -13.85
N PRO A 241 -4.18 6.31 -12.53
CA PRO A 241 -3.39 7.37 -11.89
C PRO A 241 -1.90 7.12 -12.07
N GLU A 242 -1.16 8.23 -12.20
CA GLU A 242 0.30 8.15 -12.43
C GLU A 242 1.00 7.39 -11.29
N SER A 243 0.53 7.57 -10.05
CA SER A 243 1.10 6.84 -8.91
C SER A 243 0.96 5.33 -9.07
N LEU A 244 -0.09 4.86 -9.73
CA LEU A 244 -0.13 3.40 -9.98
C LEU A 244 0.76 3.01 -11.15
N HIS A 245 0.92 3.87 -12.15
CA HIS A 245 1.89 3.57 -13.17
C HIS A 245 3.32 3.60 -12.62
N ASP A 246 3.61 4.50 -11.67
CA ASP A 246 4.93 4.50 -11.03
CA ASP A 246 4.92 4.50 -11.03
C ASP A 246 5.22 3.16 -10.35
N LEU A 247 4.22 2.61 -9.64
CA LEU A 247 4.42 1.30 -9.01
C LEU A 247 4.75 0.22 -10.05
N MET A 248 4.06 0.22 -11.18
CA MET A 248 4.39 -0.68 -12.27
C MET A 248 5.86 -0.53 -12.65
N CYS A 249 6.32 0.73 -12.81
CA CYS A 249 7.70 0.94 -13.25
C CYS A 249 8.70 0.48 -12.20
N GLN A 250 8.32 0.46 -10.92
CA GLN A 250 9.23 -0.10 -9.92
C GLN A 250 9.35 -1.61 -10.12
N CYS A 251 8.25 -2.25 -10.50
CA CYS A 251 8.23 -3.69 -10.73
C CYS A 251 9.03 -4.05 -11.96
N TRP A 252 9.22 -3.10 -12.88
CA TRP A 252 9.94 -3.31 -14.12
C TRP A 252 11.35 -2.71 -14.10
N ARG A 253 11.92 -2.54 -12.91
CA ARG A 253 13.31 -2.09 -12.85
C ARG A 253 14.21 -3.14 -13.46
N LYS A 254 15.24 -2.67 -14.16
CA LYS A 254 16.12 -3.56 -14.90
C LYS A 254 16.90 -4.45 -13.93
N ASP A 255 17.46 -3.87 -12.86
CA ASP A 255 18.04 -4.69 -11.77
C ASP A 255 16.92 -5.38 -10.99
N PRO A 256 16.86 -6.72 -10.99
CA PRO A 256 15.82 -7.40 -10.21
C PRO A 256 15.87 -7.08 -8.73
N GLU A 257 17.06 -6.87 -8.14
CA GLU A 257 17.15 -6.63 -6.72
C GLU A 257 16.60 -5.26 -6.30
N GLU A 258 16.38 -4.36 -7.25
CA GLU A 258 15.78 -3.06 -6.93
C GLU A 258 14.26 -3.07 -6.99
N ARG A 259 13.66 -4.10 -7.58
CA ARG A 259 12.22 -4.18 -7.59
C ARG A 259 11.72 -4.36 -6.15
N PRO A 260 10.49 -3.93 -5.87
CA PRO A 260 9.97 -4.05 -4.51
C PRO A 260 9.58 -5.49 -4.20
N THR A 261 9.53 -5.78 -2.89
CA THR A 261 8.97 -7.07 -2.45
C THR A 261 7.46 -7.09 -2.59
N PHE A 262 6.91 -8.31 -2.62
CA PHE A 262 5.47 -8.45 -2.58
C PHE A 262 4.90 -7.95 -1.25
N GLU A 263 5.64 -8.10 -0.16
CA GLU A 263 5.22 -7.52 1.11
C GLU A 263 5.02 -6.01 1.00
N TYR A 264 5.95 -5.33 0.32
CA TYR A 264 5.76 -3.89 0.05
C TYR A 264 4.57 -3.64 -0.89
N LEU A 265 4.43 -4.44 -1.95
CA LEU A 265 3.34 -4.25 -2.90
C LEU A 265 1.99 -4.43 -2.23
N GLN A 266 1.87 -5.44 -1.38
CA GLN A 266 0.62 -5.66 -0.66
C GLN A 266 0.23 -4.46 0.19
N ALA A 267 1.18 -3.91 0.94
CA ALA A 267 0.88 -2.80 1.85
C ALA A 267 0.55 -1.52 1.10
N PHE A 268 1.24 -1.28 -0.03
CA PHE A 268 0.98 -0.09 -0.86
C PHE A 268 -0.42 -0.14 -1.47
N LEU A 269 -0.81 -1.32 -1.99
CA LEU A 269 -2.13 -1.48 -2.59
C LEU A 269 -3.23 -1.44 -1.54
N GLU A 270 -3.01 -2.09 -0.38
CA GLU A 270 -4.02 -2.05 0.69
C GLU A 270 -4.31 -0.62 1.12
N ASP A 271 -3.29 0.22 1.17
CA ASP A 271 -3.40 1.58 1.74
C ASP A 271 -3.67 2.64 0.69
N TYR A 272 -3.88 2.21 -0.57
CA TYR A 272 -3.73 3.09 -1.73
C TYR A 272 -4.64 4.30 -1.67
N PHE A 273 -5.94 4.10 -1.42
CA PHE A 273 -6.88 5.20 -1.52
C PHE A 273 -6.88 6.13 -0.31
N THR A 274 -6.10 5.83 0.73
CA THR A 274 -5.87 6.76 1.82
C THR A 274 -4.49 7.42 1.73
N SER A 275 -3.45 6.63 1.46
CA SER A 275 -2.08 7.14 1.57
C SER A 275 -1.56 7.73 0.27
N THR A 276 -2.02 7.24 -0.86
CA THR A 276 -1.46 7.56 -2.16
C THR A 276 -2.39 8.38 -3.05
N GLU A 277 -3.67 7.98 -3.16
CA GLU A 277 -4.65 8.73 -3.94
C GLU A 277 -5.86 9.08 -3.08
N PRO A 278 -5.67 9.88 -2.02
CA PRO A 278 -6.82 10.28 -1.19
C PRO A 278 -7.86 11.10 -1.93
N GLN A 279 -7.52 11.67 -3.09
CA GLN A 279 -8.49 12.50 -3.81
C GLN A 279 -9.02 11.82 -5.07
N TYR A 280 -8.96 10.48 -5.11
CA TYR A 280 -9.43 9.75 -6.27
C TYR A 280 -10.92 10.03 -6.51
N GLN A 281 -11.27 10.34 -7.76
CA GLN A 281 -12.66 10.46 -8.14
CA GLN A 281 -12.65 10.51 -8.18
C GLN A 281 -12.97 9.49 -9.28
N PRO A 282 -14.10 8.79 -9.19
CA PRO A 282 -14.44 7.81 -10.23
C PRO A 282 -14.56 8.45 -11.60
N GLY A 283 -14.22 7.68 -12.62
CA GLY A 283 -14.30 8.14 -14.00
C GLY A 283 -15.15 7.23 -14.86
N GLU A 284 -15.04 7.36 -16.19
CA GLU A 284 -15.91 6.59 -17.08
C GLU A 284 -15.57 5.10 -17.05
N ASN A 285 -14.28 4.75 -16.96
CA ASN A 285 -13.87 3.36 -16.97
C ASN A 285 -13.07 2.94 -15.75
N LEU A 286 -12.33 3.85 -15.12
CA LEU A 286 -11.63 3.50 -13.88
C LEU A 286 -12.03 4.46 -12.76
N ALA B 9 -5.48 46.47 1.41
CA ALA B 9 -4.26 46.92 2.08
C ALA B 9 -3.43 45.75 2.60
N LYS B 10 -2.35 45.45 1.90
CA LYS B 10 -1.49 44.32 2.24
C LYS B 10 -0.63 44.63 3.46
N ASP B 11 -0.08 43.57 4.04
CA ASP B 11 0.89 43.69 5.12
C ASP B 11 2.31 43.42 4.61
N ALA B 12 3.26 43.39 5.54
CA ALA B 12 4.67 43.29 5.17
C ALA B 12 5.11 41.87 4.82
N TRP B 13 4.19 40.91 4.85
CA TRP B 13 4.44 39.57 4.32
C TRP B 13 4.25 39.52 2.81
N GLU B 14 3.62 40.53 2.23
CA GLU B 14 3.34 40.56 0.81
C GLU B 14 4.61 40.76 0.00
N ILE B 15 4.76 39.96 -1.06
CA ILE B 15 5.85 40.16 -2.02
C ILE B 15 5.23 40.27 -3.41
N PRO B 16 5.93 40.88 -4.36
CA PRO B 16 5.45 40.88 -5.73
C PRO B 16 5.64 39.51 -6.36
N ARG B 17 4.66 39.10 -7.16
CA ARG B 17 4.75 37.81 -7.82
C ARG B 17 6.03 37.66 -8.63
N GLU B 18 6.64 38.78 -9.04
CA GLU B 18 7.75 38.74 -9.97
C GLU B 18 9.01 38.25 -9.30
N SER B 19 9.08 38.33 -7.96
CA SER B 19 10.23 37.90 -7.19
C SER B 19 10.35 36.39 -7.09
N LEU B 20 9.39 35.64 -7.65
CA LEU B 20 9.39 34.19 -7.50
C LEU B 20 9.64 33.51 -8.84
N ARG B 21 10.47 32.48 -8.82
CA ARG B 21 10.70 31.62 -9.98
C ARG B 21 10.23 30.23 -9.61
N LEU B 22 9.19 29.75 -10.29
CA LEU B 22 8.68 28.40 -10.12
C LEU B 22 9.48 27.48 -11.03
N GLU B 23 10.23 26.55 -10.45
CA GLU B 23 11.14 25.70 -11.20
C GLU B 23 10.59 24.30 -11.45
N VAL B 24 10.19 23.60 -10.40
CA VAL B 24 9.83 22.19 -10.47
C VAL B 24 8.55 21.97 -9.68
N LYS B 25 7.53 21.42 -10.34
CA LYS B 25 6.28 21.06 -9.68
C LYS B 25 6.43 19.74 -8.95
N LEU B 26 6.19 19.75 -7.64
CA LEU B 26 6.36 18.55 -6.82
C LEU B 26 5.06 17.87 -6.43
N GLY B 27 3.93 18.57 -6.48
CA GLY B 27 2.65 17.93 -6.30
C GLY B 27 1.62 18.65 -7.12
N GLN B 28 0.67 17.93 -7.71
CA GLN B 28 -0.49 18.58 -8.30
C GLN B 28 -1.65 18.11 -7.46
N GLY B 29 -2.57 19.01 -7.16
CA GLY B 29 -3.84 18.60 -6.61
C GLY B 29 -4.96 19.27 -7.37
N CYS B 30 -6.18 18.86 -7.08
CA CYS B 30 -7.32 19.67 -7.50
C CYS B 30 -7.22 21.08 -6.95
N PHE B 31 -6.45 21.26 -5.88
CA PHE B 31 -6.54 22.42 -5.03
C PHE B 31 -5.48 23.33 -5.61
N GLY B 32 -4.25 22.92 -5.35
CA GLY B 32 -3.19 23.48 -6.12
C GLY B 32 -1.97 22.61 -6.33
N GLU B 33 -0.97 23.37 -6.71
CA GLU B 33 0.37 22.94 -7.05
C GLU B 33 1.32 23.32 -5.95
N VAL B 34 2.30 22.46 -5.71
CA VAL B 34 3.44 22.83 -4.89
C VAL B 34 4.67 22.74 -5.76
N TRP B 35 5.45 23.81 -5.75
CA TRP B 35 6.63 23.94 -6.59
C TRP B 35 7.85 24.11 -5.73
N MET B 36 8.95 23.53 -6.16
CA MET B 36 10.24 24.02 -5.73
C MET B 36 10.60 25.24 -6.56
N GLY B 37 11.04 26.30 -5.89
CA GLY B 37 11.24 27.55 -6.59
C GLY B 37 12.37 28.38 -6.03
N THR B 38 12.53 29.58 -6.55
CA THR B 38 13.56 30.49 -6.07
C THR B 38 12.95 31.85 -5.81
N TRP B 39 13.43 32.52 -4.76
CA TRP B 39 12.88 33.78 -4.29
C TRP B 39 14.02 34.80 -4.26
N ASN B 40 13.85 35.90 -4.99
CA ASN B 40 14.85 36.96 -5.06
C ASN B 40 16.21 36.43 -5.52
N GLY B 41 16.20 35.41 -6.38
CA GLY B 41 17.40 34.90 -7.01
C GLY B 41 18.37 34.17 -6.09
N THR B 42 18.20 34.25 -4.77
CA THR B 42 19.12 33.64 -3.85
C THR B 42 18.51 32.55 -2.97
N THR B 43 17.20 32.42 -2.93
CA THR B 43 16.57 31.66 -1.86
C THR B 43 15.68 30.60 -2.48
N ARG B 44 16.11 29.34 -2.42
CA ARG B 44 15.19 28.22 -2.60
C ARG B 44 14.05 28.18 -1.60
N VAL B 45 12.85 28.08 -2.14
CA VAL B 45 11.61 28.09 -1.39
C VAL B 45 10.71 26.99 -1.95
N ALA B 46 9.66 26.69 -1.17
CA ALA B 46 8.50 25.98 -1.66
C ALA B 46 7.35 26.95 -1.82
N ILE B 47 6.62 26.79 -2.91
CA ILE B 47 5.50 27.67 -3.26
C ILE B 47 4.26 26.81 -3.39
N LYS B 48 3.27 27.05 -2.53
CA LYS B 48 1.99 26.37 -2.66
C LYS B 48 0.98 27.33 -3.27
N THR B 49 0.39 26.94 -4.39
CA THR B 49 -0.59 27.72 -5.13
C THR B 49 -2.00 27.23 -4.83
N LEU B 50 -2.95 28.16 -4.84
CA LEU B 50 -4.35 27.84 -4.60
C LEU B 50 -5.16 27.98 -5.87
N LYS B 51 -6.29 27.25 -5.93
CA LYS B 51 -7.20 27.35 -7.07
C LYS B 51 -8.23 28.44 -6.81
N PRO B 52 -8.45 29.35 -7.78
CA PRO B 52 -9.44 30.43 -7.75
C PRO B 52 -10.85 29.94 -7.43
N PHE B 60 -9.16 34.46 3.50
CA PHE B 60 -7.90 33.73 3.49
C PHE B 60 -6.81 34.50 4.24
N LEU B 61 -6.80 35.83 4.12
CA LEU B 61 -5.85 36.62 4.89
C LEU B 61 -6.08 36.44 6.39
N GLN B 62 -7.34 36.29 6.80
CA GLN B 62 -7.64 35.87 8.16
C GLN B 62 -7.19 34.44 8.41
N GLU B 63 -7.19 33.60 7.37
CA GLU B 63 -6.77 32.20 7.49
C GLU B 63 -5.27 32.06 7.63
N ALA B 64 -4.49 32.98 7.06
CA ALA B 64 -3.04 32.88 7.13
C ALA B 64 -2.46 33.60 8.32
N GLN B 65 -3.29 34.32 9.09
CA GLN B 65 -2.79 34.95 10.31
C GLN B 65 -2.06 33.95 11.17
N VAL B 66 -2.57 32.71 11.22
CA VAL B 66 -1.95 31.67 12.02
C VAL B 66 -0.50 31.42 11.59
N MET B 67 -0.25 31.11 10.30
CA MET B 67 1.16 30.92 9.96
C MET B 67 1.97 32.20 10.16
N LYS B 68 1.33 33.36 10.05
CA LYS B 68 2.09 34.59 10.24
C LYS B 68 2.55 34.73 11.68
N LYS B 69 1.73 34.31 12.64
CA LYS B 69 2.11 34.53 14.03
C LYS B 69 2.95 33.41 14.63
N LEU B 70 3.04 32.23 13.99
CA LEU B 70 3.76 31.12 14.60
C LEU B 70 5.20 31.09 14.08
N ARG B 71 6.16 30.95 14.97
CA ARG B 71 7.57 30.86 14.59
C ARG B 71 8.29 29.88 15.50
N HIS B 72 8.76 28.77 14.95
CA HIS B 72 9.44 27.78 15.77
C HIS B 72 10.26 26.85 14.87
N GLU B 73 11.34 26.30 15.43
CA GLU B 73 12.25 25.51 14.63
C GLU B 73 11.60 24.25 14.07
N LYS B 74 10.57 23.72 14.74
CA LYS B 74 9.92 22.49 14.26
C LYS B 74 8.56 22.77 13.62
N LEU B 75 8.31 24.00 13.19
CA LEU B 75 7.16 24.32 12.35
C LEU B 75 7.69 24.86 11.03
N VAL B 76 7.15 24.37 9.91
CA VAL B 76 7.53 24.87 8.60
C VAL B 76 7.31 26.38 8.56
N GLN B 77 8.33 27.10 8.16
CA GLN B 77 8.35 28.56 8.29
C GLN B 77 7.77 29.28 7.07
N LEU B 78 6.81 30.16 7.33
CA LEU B 78 6.31 31.07 6.29
C LEU B 78 7.37 32.12 5.95
N TYR B 79 7.54 32.38 4.65
CA TYR B 79 8.45 33.40 4.14
C TYR B 79 7.74 34.60 3.54
N ALA B 80 6.63 34.39 2.86
CA ALA B 80 5.98 35.44 2.07
C ALA B 80 4.66 34.91 1.54
N VAL B 81 3.80 35.83 1.15
CA VAL B 81 2.50 35.49 0.57
C VAL B 81 2.26 36.39 -0.63
N VAL B 82 1.66 35.81 -1.67
CA VAL B 82 1.11 36.56 -2.79
C VAL B 82 -0.39 36.48 -2.64
N SER B 83 -1.02 37.62 -2.35
CA SER B 83 -2.40 37.68 -1.93
C SER B 83 -3.36 37.94 -3.09
N GLU B 84 -2.87 38.01 -4.33
CA GLU B 84 -3.66 38.27 -5.52
C GLU B 84 -3.85 36.98 -6.31
N GLU B 85 -4.91 36.93 -7.17
CA GLU B 85 -4.97 35.49 -7.39
C GLU B 85 -4.30 35.12 -8.72
N PRO B 86 -3.71 33.93 -8.87
CA PRO B 86 -3.59 32.78 -7.97
C PRO B 86 -2.72 33.03 -6.75
N ILE B 87 -3.27 32.63 -5.60
CA ILE B 87 -2.62 32.91 -4.33
C ILE B 87 -1.37 32.04 -4.22
N TYR B 88 -0.28 32.61 -3.75
CA TYR B 88 0.95 31.86 -3.52
C TYR B 88 1.31 31.96 -2.05
N ILE B 89 1.56 30.81 -1.43
CA ILE B 89 2.09 30.76 -0.08
C ILE B 89 3.52 30.26 -0.20
N VAL B 90 4.48 31.08 0.23
CA VAL B 90 5.91 30.82 0.06
C VAL B 90 6.48 30.41 1.40
N THR B 91 7.06 29.22 1.48
CA THR B 91 7.65 28.70 2.71
C THR B 91 9.04 28.14 2.48
N GLU B 92 9.72 27.82 3.58
CA GLU B 92 10.98 27.11 3.53
C GLU B 92 10.77 25.76 2.85
N TYR B 93 11.81 25.30 2.14
CA TYR B 93 11.75 24.05 1.37
C TYR B 93 12.15 22.90 2.27
N MET B 94 11.31 21.85 2.30
CA MET B 94 11.55 20.61 3.04
C MET B 94 11.93 19.52 2.03
N SER B 95 13.22 19.21 1.99
CA SER B 95 13.79 18.53 0.81
C SER B 95 13.41 17.06 0.70
N LYS B 96 12.89 16.43 1.75
CA LYS B 96 12.49 15.02 1.66
C LYS B 96 10.98 14.78 1.63
N GLY B 97 10.16 15.82 1.49
CA GLY B 97 8.73 15.59 1.30
C GLY B 97 8.03 15.18 2.59
N SER B 98 6.85 14.57 2.42
CA SER B 98 6.02 14.26 3.57
C SER B 98 6.61 13.11 4.37
N LEU B 99 6.34 13.14 5.67
CA LEU B 99 6.76 12.05 6.54
C LEU B 99 6.10 10.75 6.11
N LEU B 100 4.82 10.82 5.75
CA LEU B 100 4.15 9.62 5.27
C LEU B 100 4.91 9.00 4.10
N ASP B 101 5.20 9.81 3.07
CA ASP B 101 5.90 9.25 1.90
C ASP B 101 7.31 8.76 2.26
N PHE B 102 7.97 9.47 3.18
CA PHE B 102 9.28 9.07 3.67
C PHE B 102 9.25 7.69 4.32
N LEU B 103 8.31 7.49 5.27
CA LEU B 103 8.19 6.18 5.93
C LEU B 103 7.87 5.09 4.95
N LYS B 104 7.02 5.37 3.95
CA LYS B 104 6.61 4.32 3.03
C LYS B 104 7.68 4.00 2.00
N GLY B 105 8.59 4.94 1.71
CA GLY B 105 9.53 4.80 0.61
C GLY B 105 10.78 4.02 0.98
N GLU B 106 11.83 4.21 0.17
CA GLU B 106 13.06 3.43 0.34
C GLU B 106 13.64 3.58 1.74
N MET B 107 13.48 4.75 2.37
CA MET B 107 14.10 4.96 3.68
C MET B 107 13.46 4.14 4.78
N GLY B 108 12.13 4.00 4.78
CA GLY B 108 11.44 3.36 5.90
C GLY B 108 12.01 2.00 6.28
N LYS B 109 12.57 1.29 5.31
CA LYS B 109 13.21 0.00 5.57
C LYS B 109 14.35 0.13 6.58
N TYR B 110 15.09 1.23 6.54
CA TYR B 110 16.26 1.31 7.41
C TYR B 110 15.99 1.97 8.75
N LEU B 111 14.93 2.76 8.87
CA LEU B 111 14.62 3.44 10.13
C LEU B 111 14.36 2.42 11.24
N ARG B 112 14.96 2.63 12.39
CA ARG B 112 14.68 1.82 13.55
C ARG B 112 14.11 2.71 14.66
N LEU B 113 13.78 2.11 15.79
CA LEU B 113 13.10 2.85 16.86
C LEU B 113 13.83 4.11 17.29
N PRO B 114 15.18 4.14 17.41
CA PRO B 114 15.84 5.38 17.80
C PRO B 114 15.59 6.54 16.85
N GLN B 115 15.66 6.30 15.54
CA GLN B 115 15.34 7.35 14.58
C GLN B 115 13.88 7.76 14.67
N LEU B 116 12.97 6.79 14.83
CA LEU B 116 11.55 7.12 14.79
C LEU B 116 11.13 7.87 16.05
N VAL B 117 11.67 7.47 17.20
CA VAL B 117 11.34 8.17 18.43
C VAL B 117 11.92 9.59 18.42
N ASP B 118 13.13 9.76 17.87
CA ASP B 118 13.67 11.12 17.72
C ASP B 118 12.77 12.00 16.84
N MET B 119 12.27 11.45 15.73
CA MET B 119 11.31 12.16 14.88
C MET B 119 10.05 12.54 15.64
N ALA B 120 9.49 11.58 16.39
CA ALA B 120 8.33 11.89 17.21
C ALA B 120 8.65 13.02 18.19
N ALA B 121 9.86 13.04 18.76
CA ALA B 121 10.22 14.06 19.73
C ALA B 121 10.27 15.44 19.10
N GLN B 122 10.78 15.51 17.86
CA GLN B 122 10.77 16.76 17.11
C GLN B 122 9.34 17.25 16.88
N ILE B 123 8.45 16.35 16.45
CA ILE B 123 7.06 16.72 16.20
C ILE B 123 6.39 17.18 17.51
N ALA B 124 6.62 16.46 18.62
CA ALA B 124 6.09 16.94 19.91
C ALA B 124 6.66 18.30 20.31
N SER B 125 7.90 18.59 19.94
CA SER B 125 8.46 19.90 20.28
C SER B 125 7.72 21.01 19.54
N GLY B 126 7.49 20.81 18.24
CA GLY B 126 6.65 21.73 17.48
C GLY B 126 5.26 21.89 18.07
N MET B 127 4.63 20.78 18.43
CA MET B 127 3.29 20.84 18.98
C MET B 127 3.29 21.43 20.39
N ALA B 128 4.41 21.27 21.12
CA ALA B 128 4.50 21.86 22.44
C ALA B 128 4.50 23.38 22.32
N TYR B 129 5.13 23.90 21.25
CA TYR B 129 5.09 25.35 21.00
C TYR B 129 3.66 25.80 20.68
N VAL B 130 2.97 25.08 19.79
CA VAL B 130 1.57 25.33 19.48
C VAL B 130 0.73 25.31 20.75
N GLU B 131 1.02 24.34 21.63
CA GLU B 131 0.38 24.28 22.94
C GLU B 131 0.61 25.55 23.77
N ARG B 132 1.87 26.02 23.84
CA ARG B 132 2.16 27.24 24.60
C ARG B 132 1.46 28.45 24.00
N MET B 133 1.22 28.43 22.70
CA MET B 133 0.68 29.58 21.98
C MET B 133 -0.84 29.59 22.00
N ASN B 134 -1.46 28.57 22.59
CA ASN B 134 -2.90 28.46 22.72
C ASN B 134 -3.56 28.33 21.35
N TYR B 135 -2.92 27.56 20.49
CA TYR B 135 -3.43 27.25 19.16
C TYR B 135 -3.78 25.77 19.11
N VAL B 136 -4.46 25.39 18.03
CA VAL B 136 -4.88 24.02 17.78
C VAL B 136 -4.62 23.72 16.30
N HIS B 137 -3.97 22.58 16.02
CA HIS B 137 -3.62 22.23 14.65
C HIS B 137 -4.84 21.69 13.89
N ARG B 138 -5.46 20.65 14.43
CA ARG B 138 -6.67 19.96 13.98
C ARG B 138 -6.46 18.96 12.85
N ASP B 139 -5.26 18.84 12.29
CA ASP B 139 -5.00 17.81 11.28
C ASP B 139 -3.58 17.30 11.40
N LEU B 140 -3.18 16.97 12.62
CA LEU B 140 -1.90 16.32 12.86
C LEU B 140 -1.96 14.85 12.43
N ARG B 141 -1.05 14.49 11.54
CA ARG B 141 -0.89 13.17 10.93
C ARG B 141 0.36 13.19 10.04
N ALA B 142 0.91 12.00 9.78
CA ALA B 142 2.18 11.91 9.09
C ALA B 142 2.16 12.61 7.74
N ALA B 143 0.99 12.69 7.09
CA ALA B 143 0.97 13.33 5.78
C ALA B 143 1.13 14.86 5.89
N ASN B 144 0.99 15.42 7.08
CA ASN B 144 1.12 16.85 7.31
C ASN B 144 2.40 17.18 8.08
N ILE B 145 3.33 16.24 8.16
CA ILE B 145 4.67 16.46 8.66
C ILE B 145 5.61 16.43 7.47
N LEU B 146 6.53 17.40 7.41
CA LEU B 146 7.49 17.46 6.32
C LEU B 146 8.89 17.15 6.86
N VAL B 147 9.70 16.51 6.03
CA VAL B 147 11.03 16.04 6.40
C VAL B 147 12.06 16.78 5.56
N GLY B 148 13.14 17.19 6.22
CA GLY B 148 14.26 17.86 5.59
C GLY B 148 15.52 17.03 5.72
N GLU B 149 16.67 17.65 5.48
CA GLU B 149 17.94 16.95 5.64
C GLU B 149 18.12 16.50 7.08
N ASN B 150 18.92 15.44 7.27
CA ASN B 150 19.37 15.03 8.59
C ASN B 150 18.20 14.56 9.46
N LEU B 151 17.10 14.13 8.81
CA LEU B 151 15.92 13.59 9.47
C LEU B 151 15.17 14.66 10.28
N VAL B 152 15.33 15.94 9.96
CA VAL B 152 14.53 16.99 10.59
C VAL B 152 13.07 16.84 10.17
N CYS B 153 12.18 16.87 11.15
CA CYS B 153 10.74 16.82 10.94
C CYS B 153 10.09 18.12 11.41
N LYS B 154 9.17 18.66 10.60
CA LYS B 154 8.50 19.90 10.95
C LYS B 154 7.00 19.78 10.72
N VAL B 155 6.23 20.29 11.67
CA VAL B 155 4.79 20.37 11.51
C VAL B 155 4.46 21.32 10.38
N ALA B 156 3.55 20.91 9.50
CA ALA B 156 3.19 21.71 8.35
C ALA B 156 1.68 21.81 8.23
N ASP B 157 1.25 22.46 7.15
CA ASP B 157 -0.12 22.46 6.64
C ASP B 157 -1.13 22.75 7.76
N PHE B 158 -1.03 23.97 8.24
CA PHE B 158 -2.01 24.53 9.15
C PHE B 158 -3.28 24.94 8.40
N GLY B 159 -3.67 24.16 7.39
CA GLY B 159 -4.77 24.55 6.53
C GLY B 159 -6.05 24.78 7.30
N LEU B 160 -6.36 23.86 8.20
CA LEU B 160 -7.39 24.06 9.22
C LEU B 160 -6.72 24.58 10.50
N PHE B 177 -12.71 13.17 5.15
CA PHE B 177 -12.58 13.22 6.60
C PHE B 177 -11.62 12.24 7.26
N PRO B 178 -10.67 12.83 7.97
CA PRO B 178 -9.64 12.04 8.67
C PRO B 178 -10.09 11.60 10.04
N ILE B 179 -11.32 11.08 10.13
CA ILE B 179 -11.81 10.34 11.28
C ILE B 179 -10.81 9.43 11.97
N LYS B 180 -10.01 8.67 11.21
CA LYS B 180 -9.11 7.74 11.88
C LYS B 180 -8.05 8.45 12.70
N TRP B 181 -7.74 9.71 12.40
CA TRP B 181 -6.77 10.46 13.17
C TRP B 181 -7.40 11.42 14.18
N THR B 182 -8.73 11.55 14.18
CA THR B 182 -9.42 12.59 14.91
C THR B 182 -10.01 12.01 16.19
N ALA B 183 -9.81 12.71 17.30
CA ALA B 183 -10.39 12.29 18.57
C ALA B 183 -11.91 12.28 18.49
N PRO B 184 -12.57 11.37 19.20
CA PRO B 184 -14.02 11.22 19.06
C PRO B 184 -14.80 12.49 19.36
N GLU B 185 -14.49 13.16 20.47
CA GLU B 185 -15.27 14.34 20.84
C GLU B 185 -15.18 15.42 19.79
N ALA B 186 -14.13 15.39 18.96
CA ALA B 186 -13.90 16.37 17.91
C ALA B 186 -14.59 15.97 16.62
N ALA B 187 -14.50 14.68 16.29
CA ALA B 187 -15.20 14.13 15.14
C ALA B 187 -16.71 14.19 15.33
N LEU B 188 -17.19 13.97 16.56
CA LEU B 188 -18.62 13.87 16.81
C LEU B 188 -19.23 15.24 17.08
N TYR B 189 -18.66 15.98 18.02
CA TYR B 189 -19.23 17.23 18.52
C TYR B 189 -18.44 18.47 18.12
N GLY B 190 -17.37 18.33 17.34
CA GLY B 190 -16.64 19.48 16.89
C GLY B 190 -15.81 20.16 17.95
N ARG B 191 -15.35 19.43 18.95
CA ARG B 191 -14.71 20.06 20.09
C ARG B 191 -13.22 19.86 19.78
N PHE B 192 -12.61 20.78 19.07
CA PHE B 192 -11.19 20.67 18.75
C PHE B 192 -10.40 21.46 19.80
N THR B 193 -9.45 20.78 20.44
CA THR B 193 -8.61 21.39 21.46
C THR B 193 -7.20 20.87 21.26
N ILE B 194 -6.24 21.44 22.00
CA ILE B 194 -4.91 20.87 21.99
C ILE B 194 -4.95 19.40 22.41
N LYS B 195 -5.96 19.02 23.20
CA LYS B 195 -6.08 17.62 23.64
C LYS B 195 -6.55 16.71 22.53
N SER B 196 -7.31 17.22 21.56
CA SER B 196 -7.63 16.38 20.41
C SER B 196 -6.43 16.25 19.48
N ASP B 197 -5.56 17.28 19.41
CA ASP B 197 -4.28 17.10 18.69
C ASP B 197 -3.41 16.04 19.36
N VAL B 198 -3.46 15.94 20.70
CA VAL B 198 -2.72 14.91 21.42
C VAL B 198 -3.21 13.52 21.01
N TRP B 199 -4.53 13.35 20.89
CA TRP B 199 -5.05 12.10 20.36
C TRP B 199 -4.44 11.79 18.99
N SER B 200 -4.37 12.80 18.12
CA SER B 200 -3.84 12.59 16.79
C SER B 200 -2.36 12.22 16.85
N PHE B 201 -1.61 12.84 17.78
CA PHE B 201 -0.22 12.46 18.01
C PHE B 201 -0.11 10.98 18.40
N GLY B 202 -0.99 10.50 19.27
CA GLY B 202 -1.07 9.06 19.52
C GLY B 202 -1.14 8.24 18.23
N ILE B 203 -2.05 8.61 17.32
CA ILE B 203 -2.22 7.88 16.06
C ILE B 203 -0.96 8.00 15.20
N LEU B 204 -0.38 9.19 15.17
CA LEU B 204 0.82 9.41 14.39
C LEU B 204 1.95 8.51 14.91
N LEU B 205 1.99 8.28 16.24
CA LEU B 205 2.98 7.32 16.77
C LEU B 205 2.81 5.92 16.17
N THR B 206 1.58 5.52 15.86
CA THR B 206 1.42 4.22 15.17
C THR B 206 1.87 4.29 13.72
N GLU B 207 1.72 5.45 13.06
CA GLU B 207 2.27 5.57 11.70
C GLU B 207 3.78 5.43 11.71
N LEU B 208 4.43 6.05 12.70
CA LEU B 208 5.88 5.97 12.81
C LEU B 208 6.32 4.53 13.07
N THR B 209 5.65 3.82 13.98
CA THR B 209 6.14 2.49 14.34
C THR B 209 5.71 1.38 13.37
N THR B 210 4.81 1.66 12.41
CA THR B 210 4.46 0.69 11.36
C THR B 210 5.00 1.08 9.99
N LYS B 211 5.91 2.06 9.91
CA LYS B 211 6.45 2.53 8.64
C LYS B 211 5.33 3.05 7.73
N GLY B 212 4.36 3.75 8.33
CA GLY B 212 3.41 4.51 7.56
C GLY B 212 2.11 3.83 7.25
N ARG B 213 1.83 2.65 7.84
CA ARG B 213 0.56 1.99 7.56
C ARG B 213 -0.61 2.86 7.99
N VAL B 214 -1.71 2.75 7.26
CA VAL B 214 -2.98 3.38 7.66
C VAL B 214 -3.45 2.79 8.98
N PRO B 215 -3.84 3.59 9.96
CA PRO B 215 -4.34 3.04 11.23
C PRO B 215 -5.63 2.23 11.08
N TYR B 216 -5.95 1.48 12.13
CA TYR B 216 -7.11 0.58 12.19
C TYR B 216 -7.21 -0.28 10.92
N PRO B 217 -6.21 -1.10 10.61
CA PRO B 217 -6.19 -1.84 9.34
C PRO B 217 -7.45 -2.67 9.16
N GLY B 218 -8.03 -2.59 7.97
CA GLY B 218 -9.22 -3.35 7.63
C GLY B 218 -10.54 -2.80 8.13
N MET B 219 -10.56 -1.63 8.77
CA MET B 219 -11.79 -1.03 9.29
C MET B 219 -12.16 0.19 8.47
N VAL B 220 -13.43 0.29 8.09
CA VAL B 220 -13.92 1.49 7.44
C VAL B 220 -14.19 2.53 8.52
N ASN B 221 -14.36 3.79 8.10
CA ASN B 221 -14.54 4.90 9.04
C ASN B 221 -15.67 4.63 10.03
N ARG B 222 -16.83 4.18 9.53
CA ARG B 222 -17.98 3.99 10.40
C ARG B 222 -17.71 2.94 11.47
N GLU B 223 -17.01 1.87 11.11
CA GLU B 223 -16.70 0.91 12.15
C GLU B 223 -15.57 1.40 13.07
N VAL B 224 -14.74 2.34 12.62
CA VAL B 224 -13.77 2.97 13.52
C VAL B 224 -14.49 3.81 14.59
N LEU B 225 -15.39 4.71 14.19
CA LEU B 225 -16.19 5.42 15.20
C LEU B 225 -16.91 4.50 16.18
N ASP B 226 -17.71 3.56 15.66
CA ASP B 226 -18.53 2.76 16.56
C ASP B 226 -17.63 2.09 17.59
N GLN B 227 -16.44 1.77 17.18
CA GLN B 227 -15.71 0.72 17.84
C GLN B 227 -14.81 1.40 18.86
N VAL B 228 -14.26 2.59 18.50
CA VAL B 228 -13.56 3.48 19.45
C VAL B 228 -14.52 3.97 20.53
N GLU B 229 -15.75 4.30 20.13
CA GLU B 229 -16.75 4.76 21.10
C GLU B 229 -17.00 3.71 22.16
N ARG B 230 -16.96 2.43 21.77
CA ARG B 230 -17.11 1.34 22.72
C ARG B 230 -15.81 1.00 23.44
N GLY B 231 -14.73 1.76 23.24
CA GLY B 231 -13.51 1.57 24.00
C GLY B 231 -12.40 0.84 23.28
N TYR B 232 -12.58 0.46 22.02
CA TYR B 232 -11.52 -0.16 21.26
C TYR B 232 -10.35 0.81 21.06
N ARG B 233 -9.14 0.27 21.13
CA ARG B 233 -7.91 0.98 20.83
C ARG B 233 -7.00 0.03 20.07
N MET B 234 -6.18 0.58 19.18
CA MET B 234 -5.24 -0.24 18.43
C MET B 234 -4.29 -0.96 19.39
N PRO B 235 -3.91 -2.20 19.09
CA PRO B 235 -2.99 -2.93 19.96
C PRO B 235 -1.54 -2.47 19.73
N CYS B 236 -0.64 -3.06 20.49
CA CYS B 236 0.78 -2.72 20.35
C CYS B 236 1.30 -3.21 19.00
N PRO B 237 1.83 -2.33 18.15
CA PRO B 237 2.41 -2.80 16.88
C PRO B 237 3.54 -3.77 17.10
N PRO B 238 3.78 -4.68 16.14
CA PRO B 238 4.85 -5.68 16.29
C PRO B 238 6.22 -5.03 16.49
N GLU B 239 6.95 -5.52 17.49
CA GLU B 239 8.28 -5.07 17.92
C GLU B 239 8.24 -3.70 18.60
N CYS B 240 7.11 -3.10 18.73
CA CYS B 240 7.06 -1.80 19.45
C CYS B 240 7.09 -2.05 20.95
N PRO B 241 7.96 -1.37 21.72
CA PRO B 241 8.00 -1.61 23.17
C PRO B 241 6.68 -1.27 23.83
N GLU B 242 6.29 -2.10 24.81
CA GLU B 242 5.04 -1.85 25.53
C GLU B 242 5.00 -0.46 26.13
N SER B 243 6.15 0.09 26.56
CA SER B 243 6.17 1.43 27.15
C SER B 243 5.77 2.49 26.14
N LEU B 244 6.10 2.31 24.85
CA LEU B 244 5.65 3.28 23.87
C LEU B 244 4.17 3.08 23.51
N HIS B 245 3.68 1.84 23.52
CA HIS B 245 2.25 1.64 23.34
C HIS B 245 1.45 2.23 24.48
N ASP B 246 1.98 2.13 25.72
CA ASP B 246 1.34 2.78 26.86
CA ASP B 246 1.34 2.78 26.86
C ASP B 246 1.22 4.28 26.63
N LEU B 247 2.24 4.90 26.03
CA LEU B 247 2.14 6.33 25.73
C LEU B 247 0.99 6.62 24.77
N MET B 248 0.92 5.86 23.67
CA MET B 248 -0.23 5.96 22.75
C MET B 248 -1.54 5.88 23.52
N CYS B 249 -1.72 4.82 24.33
CA CYS B 249 -2.96 4.64 25.06
C CYS B 249 -3.30 5.83 25.97
N GLN B 250 -2.28 6.50 26.52
CA GLN B 250 -2.54 7.71 27.30
C GLN B 250 -3.05 8.84 26.40
N CYS B 251 -2.55 8.90 25.15
CA CYS B 251 -3.01 9.88 24.17
C CYS B 251 -4.45 9.61 23.74
N TRP B 252 -4.96 8.38 23.99
CA TRP B 252 -6.28 7.94 23.51
C TRP B 252 -7.33 7.77 24.61
N ARG B 253 -7.10 8.33 25.79
CA ARG B 253 -8.09 8.29 26.86
C ARG B 253 -9.36 8.97 26.39
N LYS B 254 -10.54 8.37 26.63
CA LYS B 254 -11.74 9.11 26.25
C LYS B 254 -11.87 10.48 26.87
N ASP B 255 -11.32 10.68 28.04
CA ASP B 255 -11.47 11.97 28.71
C ASP B 255 -10.35 12.89 28.24
N PRO B 256 -10.66 13.91 27.44
CA PRO B 256 -9.60 14.74 26.84
C PRO B 256 -8.66 15.34 27.87
N GLU B 257 -9.17 15.70 29.04
CA GLU B 257 -8.32 16.33 30.03
C GLU B 257 -7.37 15.35 30.71
N GLU B 258 -7.58 14.05 30.56
CA GLU B 258 -6.65 13.10 31.15
C GLU B 258 -5.51 12.72 30.20
N ARG B 259 -5.51 13.25 28.98
CA ARG B 259 -4.41 12.98 28.06
C ARG B 259 -3.20 13.85 28.41
N PRO B 260 -1.99 13.37 28.14
CA PRO B 260 -0.80 14.16 28.51
C PRO B 260 -0.67 15.43 27.68
N THR B 261 0.10 16.38 28.19
CA THR B 261 0.46 17.54 27.38
C THR B 261 1.55 17.20 26.36
N PHE B 262 1.70 18.09 25.38
CA PHE B 262 2.83 17.93 24.45
C PHE B 262 4.15 18.21 25.13
N GLU B 263 4.14 19.06 26.17
CA GLU B 263 5.34 19.29 26.97
C GLU B 263 5.80 18.00 27.63
N TYR B 264 4.87 17.23 28.22
CA TYR B 264 5.20 15.92 28.75
C TYR B 264 5.68 14.99 27.64
N LEU B 265 4.98 14.96 26.50
CA LEU B 265 5.33 14.03 25.43
C LEU B 265 6.72 14.30 24.89
N GLN B 266 7.06 15.58 24.68
CA GLN B 266 8.38 15.95 24.22
C GLN B 266 9.46 15.44 25.17
N ALA B 267 9.28 15.64 26.48
CA ALA B 267 10.31 15.22 27.43
C ALA B 267 10.41 13.70 27.49
N PHE B 268 9.27 13.00 27.49
CA PHE B 268 9.26 11.54 27.54
C PHE B 268 10.02 10.97 26.34
N LEU B 269 9.75 11.52 25.16
CA LEU B 269 10.37 11.00 23.94
C LEU B 269 11.84 11.37 23.84
N GLU B 270 12.21 12.60 24.24
CA GLU B 270 13.62 12.98 24.25
C GLU B 270 14.45 12.08 25.17
N ASP B 271 13.89 11.68 26.32
CA ASP B 271 14.67 10.93 27.31
C ASP B 271 14.47 9.43 27.21
N TYR B 272 13.81 8.97 26.15
CA TYR B 272 13.24 7.62 26.09
C TYR B 272 14.30 6.52 26.28
N PHE B 273 15.38 6.56 25.51
CA PHE B 273 16.31 5.43 25.59
C PHE B 273 17.20 5.48 26.82
N THR B 274 17.06 6.48 27.69
CA THR B 274 17.78 6.45 28.95
C THR B 274 16.87 6.17 30.13
N SER B 275 15.74 6.89 30.22
CA SER B 275 14.84 6.81 31.37
C SER B 275 13.80 5.71 31.25
N THR B 276 13.41 5.34 30.03
CA THR B 276 12.26 4.47 29.85
C THR B 276 12.64 3.10 29.29
N GLU B 277 13.46 3.02 28.24
CA GLU B 277 13.91 1.73 27.68
C GLU B 277 15.43 1.70 27.61
N PRO B 278 16.12 1.71 28.75
CA PRO B 278 17.59 1.64 28.71
C PRO B 278 18.13 0.31 28.23
N GLN B 279 17.33 -0.76 28.19
CA GLN B 279 17.79 -2.07 27.73
C GLN B 279 17.38 -2.36 26.30
N TYR B 280 17.00 -1.34 25.54
CA TYR B 280 16.50 -1.53 24.18
C TYR B 280 17.53 -2.23 23.30
N GLN B 281 17.09 -3.26 22.57
CA GLN B 281 17.95 -3.77 21.51
C GLN B 281 17.27 -3.77 20.16
N PRO B 282 18.01 -3.43 19.11
CA PRO B 282 17.46 -3.44 17.76
C PRO B 282 16.92 -4.82 17.41
N GLY B 283 15.81 -4.83 16.69
CA GLY B 283 15.19 -6.06 16.21
C GLY B 283 15.16 -6.04 14.70
N GLU B 284 14.31 -6.87 14.07
CA GLU B 284 14.41 -6.97 12.62
C GLU B 284 13.94 -5.67 11.97
N ASN B 285 12.89 -5.08 12.55
CA ASN B 285 12.19 -3.94 11.97
C ASN B 285 12.16 -2.69 12.85
N LEU B 286 12.23 -2.82 14.18
CA LEU B 286 12.27 -1.65 15.06
C LEU B 286 13.45 -1.77 16.04
C02 RCK C . -4.77 -27.51 -8.07
C03 RCK C . -4.01 -27.90 -6.98
C04 RCK C . -3.87 -27.04 -5.92
C05 RCK C . -4.51 -25.74 -5.95
C06 RCK C . -5.26 -25.36 -7.04
C07 RCK C . -5.40 -26.23 -8.09
C08 RCK C . -6.25 -25.85 -9.37
C10 RCK C . -8.44 -25.14 -10.25
C11 RCK C . -9.70 -24.51 -10.03
C12 RCK C . -10.35 -23.97 -11.15
C14 RCK C . -12.61 -22.72 -11.49
C15 RCK C . -12.55 -23.03 -12.97
C16 RCK C . -13.73 -22.37 -13.65
C17 RCK C . -13.73 -22.14 -15.02
C18 RCK C . -14.85 -21.52 -15.59
C19 RCK C . -15.95 -21.12 -14.80
C20 RCK C . -15.95 -21.36 -13.43
C21 RCK C . -14.84 -21.99 -12.85
C23 RCK C . -10.52 -24.24 -8.89
C25 RCK C . -8.55 -24.68 -12.51
C27 RCK C . -9.23 -24.23 -15.27
C29 RCK C . -9.20 -22.06 -15.72
C30 RCK C . -9.68 -21.11 -16.82
C32 RCK C . -10.81 -22.93 -17.75
C33 RCK C . -9.56 -23.70 -17.35
F01 RCK C . -4.93 -28.35 -9.15
N09 RCK C . -7.70 -25.71 -9.11
N13 RCK C . -11.54 -23.43 -10.68
N22 RCK C . -11.65 -23.60 -9.33
N24 RCK C . -9.74 -24.08 -12.36
N28 RCK C . -8.89 -23.33 -16.18
N34 RCK C . -7.90 -25.21 -11.46
O31 RCK C . -10.84 -21.57 -17.42
S26 RCK C . -7.83 -24.74 -14.15
C1 EDO D . -13.04 -29.43 3.55
O1 EDO D . -11.64 -29.66 3.40
C2 EDO D . -13.32 -27.92 3.59
O2 EDO D . -14.68 -27.69 3.21
C1 EDO E . -3.37 9.11 -16.63
O1 EDO E . -3.69 9.75 -15.39
C2 EDO E . -4.61 9.03 -17.52
O2 EDO E . -4.23 8.59 -18.83
S DMS F . -12.80 -8.29 -24.63
O DMS F . -13.59 -7.46 -25.58
C1 DMS F . -13.20 -10.03 -24.82
C2 DMS F . -11.03 -8.17 -25.08
C02 RCK G . 1.62 25.86 2.98
C03 RCK G . 0.77 25.98 4.05
C04 RCK G . 1.16 25.48 5.25
C05 RCK G . 2.46 24.82 5.39
C06 RCK G . 3.29 24.70 4.31
C07 RCK G . 2.89 25.22 3.12
C08 RCK G . 3.80 25.12 1.84
C10 RCK G . 5.16 23.07 1.61
C11 RCK G . 6.46 22.52 1.44
C12 RCK G . 6.53 21.27 0.81
C14 RCK G . 8.45 19.69 0.18
C15 RCK G . 7.62 19.14 -0.96
C16 RCK G . 8.36 17.97 -1.57
C17 RCK G . 7.65 16.94 -2.19
C18 RCK G . 8.38 15.86 -2.75
C19 RCK G . 9.78 15.84 -2.68
C20 RCK G . 10.48 16.89 -2.05
C21 RCK G . 9.77 17.95 -1.50
C23 RCK G . 7.80 22.92 1.78
C25 RCK G . 4.17 21.23 0.61
C27 RCK G . 2.63 18.59 0.05
C29 RCK G . 3.95 16.84 0.22
C30 RCK G . 2.94 15.81 -0.25
C32 RCK G . 3.01 16.78 -2.37
C33 RCK G . 3.79 17.95 -1.79
F01 RCK G . 1.29 26.35 1.74
N09 RCK G . 4.99 24.38 2.26
N13 RCK G . 7.89 20.96 0.76
N22 RCK G . 8.65 21.94 1.33
N24 RCK G . 5.37 20.66 0.42
N28 RCK G . 3.76 18.06 -0.39
N34 RCK G . 4.07 22.43 1.19
O31 RCK G . 3.06 15.60 -1.62
S26 RCK G . 2.64 20.45 0.09
C1 EDO H . 1.53 11.39 33.37
O1 EDO H . 1.78 9.97 33.41
C2 EDO H . 1.07 11.80 31.97
O2 EDO H . 0.16 10.81 31.46
C1 EDO I . 19.86 13.34 26.26
O1 EDO I . 19.06 12.15 26.15
C2 EDO I . 19.05 14.48 25.69
O2 EDO I . 17.91 14.72 26.53
C1 GOL J . -7.49 0.89 4.22
O1 GOL J . -8.15 2.04 4.67
C2 GOL J . -6.86 0.22 5.46
O2 GOL J . -7.81 -0.31 6.32
C3 GOL J . -5.94 -0.87 4.88
O3 GOL J . -5.32 -1.50 5.95
C1 GOL K . 18.52 10.22 15.71
O1 GOL K . 18.38 10.19 14.30
C2 GOL K . 18.82 8.75 16.20
O2 GOL K . 19.51 8.02 15.25
C3 GOL K . 19.61 8.90 17.53
O3 GOL K . 19.25 10.14 18.11
#